data_5Z98
#
_entry.id   5Z98
#
_cell.length_a   38.341
_cell.length_b   86.970
_cell.length_c   77.363
_cell.angle_alpha   90.00
_cell.angle_beta   102.63
_cell.angle_gamma   90.00
#
_symmetry.space_group_name_H-M   'P 1 21 1'
#
loop_
_entity.id
_entity.type
_entity.pdbx_description
1 polymer 'Apolipoprotein B mRNA editing enzyme catalytic polypeptide-like protein 3H'
2 polymer "RNA (5'-R(P*CP*UP*GP*CP*CP*GP*GP*GP*UP*A)-3')"
3 polymer "RNA (5'-R(*AP*UP*AP*CP*CP*CP*GP*GP*CP*A)-3')"
4 non-polymer 'ZINC ION'
5 water water
#
loop_
_entity_poly.entity_id
_entity_poly.type
_entity_poly.pdbx_seq_one_letter_code
_entity_poly.pdbx_strand_id
1 'polypeptide(L)'
;GSMALLTAETFRLQFNNRRRLRRPYYPRKALLCYQLTPQNGSTPTRGYFENKKKCHAEICFINEIKSMGLDETQCYQVTC
YLTWSPCSSCAWKLVDFIQAHDHLNLRIFASRLYYHWCKPQQEGLRLLCGSQVPVEVMGLPEFNDCWENFVDHEKPLSFD
PCKMLEELDKNSRAIKRRLERIKQS
;
A,B
2 'polyribonucleotide' CUGCCGGGUA C
3 'polyribonucleotide' AUACCCGGCA D
#
# COMPACT_ATOMS: atom_id res chain seq x y z
N ALA A 4 7.52 -11.82 -6.33
CA ALA A 4 8.33 -10.63 -6.59
C ALA A 4 8.50 -9.82 -5.32
N LEU A 5 8.38 -10.49 -4.18
CA LEU A 5 8.45 -9.88 -2.87
C LEU A 5 9.71 -10.34 -2.16
N LEU A 6 10.60 -9.39 -1.87
CA LEU A 6 11.74 -9.66 -1.00
C LEU A 6 11.29 -10.35 0.28
N THR A 7 12.15 -11.22 0.82
CA THR A 7 11.87 -11.78 2.13
C THR A 7 12.34 -10.83 3.22
N ALA A 8 11.71 -10.93 4.39
CA ALA A 8 12.04 -10.01 5.47
C ALA A 8 13.51 -10.11 5.87
N GLU A 9 14.12 -11.29 5.70
CA GLU A 9 15.55 -11.41 6.03
C GLU A 9 16.40 -10.70 4.99
N THR A 10 16.00 -10.74 3.71
CA THR A 10 16.75 -10.05 2.67
C THR A 10 16.70 -8.55 2.88
N PHE A 11 15.49 -8.00 3.09
CA PHE A 11 15.41 -6.57 3.38
C PHE A 11 16.33 -6.20 4.54
N ARG A 12 16.26 -6.95 5.64
CA ARG A 12 16.99 -6.59 6.85
C ARG A 12 18.49 -6.64 6.62
N LEU A 13 18.97 -7.72 5.99
CA LEU A 13 20.40 -7.85 5.71
C LEU A 13 20.87 -6.78 4.72
N GLN A 14 20.19 -6.69 3.58
CA GLN A 14 20.70 -5.93 2.45
C GLN A 14 20.56 -4.42 2.62
N PHE A 15 19.55 -3.96 3.34
CA PHE A 15 19.41 -2.52 3.51
C PHE A 15 20.08 -2.01 4.77
N ASN A 16 20.69 -2.89 5.55
CA ASN A 16 21.44 -2.56 6.75
C ASN A 16 22.48 -1.48 6.49
N ASN A 17 22.32 -0.33 7.16
CA ASN A 17 23.22 0.79 6.95
C ASN A 17 24.24 0.98 8.07
N ARG A 18 24.37 0.01 8.98
CA ARG A 18 25.41 0.05 10.00
C ARG A 18 26.77 0.35 9.38
N ARG A 19 27.55 1.19 10.05
CA ARG A 19 28.85 1.48 9.49
C ARG A 19 29.72 0.23 9.51
N ARG A 20 29.77 -0.49 10.64
CA ARG A 20 30.48 -1.75 10.73
C ARG A 20 29.54 -2.90 11.06
N LEU A 21 29.63 -3.99 10.31
CA LEU A 21 28.72 -5.12 10.44
C LEU A 21 28.91 -5.84 11.78
N ARG A 22 27.96 -6.72 12.10
CA ARG A 22 28.06 -7.65 13.23
C ARG A 22 28.09 -9.09 12.74
N ARG A 23 28.70 -9.95 13.54
CA ARG A 23 28.72 -11.37 13.24
C ARG A 23 27.29 -11.92 13.26
N PRO A 24 26.94 -12.84 12.34
CA PRO A 24 27.85 -13.34 11.31
C PRO A 24 27.99 -12.39 10.13
N TYR A 25 29.08 -12.52 9.39
CA TYR A 25 29.36 -11.64 8.27
C TYR A 25 28.74 -12.19 7.00
N TYR A 26 28.41 -11.28 6.07
CA TYR A 26 27.70 -11.61 4.84
C TYR A 26 27.93 -10.48 3.86
N PRO A 27 27.94 -10.75 2.56
CA PRO A 27 28.12 -9.65 1.60
C PRO A 27 26.84 -8.83 1.49
N ARG A 28 26.96 -7.52 1.70
CA ARG A 28 25.86 -6.59 1.46
C ARG A 28 25.91 -6.20 0.00
N LYS A 29 25.12 -6.89 -0.82
CA LYS A 29 25.17 -6.72 -2.27
C LYS A 29 24.19 -5.66 -2.73
N ALA A 30 24.39 -5.17 -3.96
CA ALA A 30 23.55 -4.11 -4.49
C ALA A 30 22.12 -4.62 -4.69
N LEU A 31 21.16 -3.74 -4.45
CA LEU A 31 19.75 -4.08 -4.59
C LEU A 31 18.96 -2.80 -4.79
N LEU A 32 17.91 -2.88 -5.60
CA LEU A 32 17.13 -1.73 -5.97
C LEU A 32 15.66 -2.05 -5.86
N CYS A 33 14.90 -1.16 -5.24
CA CYS A 33 13.44 -1.25 -5.21
C CYS A 33 12.90 0.01 -5.85
N TYR A 34 12.04 -0.14 -6.85
CA TYR A 34 11.58 0.99 -7.64
C TYR A 34 10.06 1.07 -7.61
N GLN A 35 9.56 2.30 -7.74
CA GLN A 35 8.13 2.56 -7.79
C GLN A 35 7.89 3.63 -8.83
N LEU A 36 7.01 3.33 -9.77
CA LEU A 36 6.61 4.29 -10.79
C LEU A 36 5.14 4.63 -10.59
N THR A 37 4.85 5.93 -10.47
CA THR A 37 3.48 6.43 -10.35
C THR A 37 3.23 7.56 -11.33
N PRO A 38 2.11 7.56 -12.04
CA PRO A 38 1.81 8.66 -12.95
C PRO A 38 1.27 9.85 -12.16
N GLN A 39 1.08 10.97 -12.87
CA GLN A 39 0.56 12.17 -12.23
C GLN A 39 -0.95 12.27 -12.30
N ASN A 40 -1.59 11.56 -13.22
CA ASN A 40 -3.05 11.56 -13.28
C ASN A 40 -3.63 11.02 -11.97
N GLY A 41 -3.52 9.70 -11.77
CA GLY A 41 -3.99 9.10 -10.53
C GLY A 41 -3.69 7.62 -10.44
N SER A 42 -3.49 6.98 -11.60
CA SER A 42 -3.36 5.53 -11.72
C SER A 42 -2.46 4.92 -10.64
N THR A 43 -2.80 3.70 -10.20
CA THR A 43 -2.07 3.07 -9.11
C THR A 43 -0.62 2.81 -9.51
N PRO A 44 0.26 2.66 -8.53
CA PRO A 44 1.69 2.57 -8.83
C PRO A 44 2.11 1.20 -9.33
N THR A 45 3.28 1.19 -9.98
CA THR A 45 3.94 -0.02 -10.46
C THR A 45 5.22 -0.20 -9.66
N ARG A 46 5.48 -1.44 -9.23
CA ARG A 46 6.58 -1.70 -8.30
C ARG A 46 7.35 -2.96 -8.68
N GLY A 47 8.64 -2.96 -8.36
CA GLY A 47 9.48 -4.13 -8.54
C GLY A 47 10.84 -3.88 -7.94
N TYR A 48 11.73 -4.84 -8.12
CA TYR A 48 13.07 -4.71 -7.60
C TYR A 48 14.07 -5.37 -8.52
N PHE A 49 15.30 -4.84 -8.53
CA PHE A 49 16.35 -5.33 -9.39
C PHE A 49 17.62 -5.57 -8.58
N GLU A 50 18.42 -6.51 -9.06
CA GLU A 50 19.69 -6.91 -8.47
C GLU A 50 20.80 -6.59 -9.46
N ASN A 51 22.05 -6.67 -9.01
CA ASN A 51 23.16 -6.49 -9.93
C ASN A 51 23.28 -7.70 -10.85
N LYS A 52 23.33 -7.45 -12.15
CA LYS A 52 23.55 -8.48 -13.15
C LYS A 52 24.97 -8.38 -13.69
N LYS A 53 25.36 -9.40 -14.46
CA LYS A 53 26.71 -9.44 -15.00
C LYS A 53 26.96 -8.31 -16.00
N LYS A 54 25.93 -7.84 -16.70
CA LYS A 54 26.10 -6.84 -17.74
C LYS A 54 25.53 -5.47 -17.38
N CYS A 55 24.86 -5.34 -16.23
CA CYS A 55 24.30 -4.07 -15.80
C CYS A 55 24.17 -4.06 -14.29
N HIS A 56 24.44 -2.91 -13.67
CA HIS A 56 24.06 -2.72 -12.28
C HIS A 56 22.56 -2.50 -12.18
N ALA A 57 22.02 -2.73 -10.98
CA ALA A 57 20.57 -2.64 -10.75
C ALA A 57 19.92 -1.43 -11.43
N GLU A 58 20.43 -0.21 -11.15
CA GLU A 58 19.95 1.01 -11.79
C GLU A 58 19.85 0.90 -13.31
N ILE A 59 20.74 0.13 -13.94
CA ILE A 59 20.83 0.13 -15.39
C ILE A 59 19.99 -0.97 -16.01
N CYS A 60 19.92 -2.15 -15.39
CA CYS A 60 18.93 -3.12 -15.81
C CYS A 60 17.53 -2.53 -15.70
N PHE A 61 17.35 -1.61 -14.75
CA PHE A 61 16.04 -1.03 -14.50
C PHE A 61 15.66 -0.04 -15.60
N ILE A 62 16.44 1.04 -15.75
CA ILE A 62 16.07 2.05 -16.75
C ILE A 62 16.01 1.41 -18.12
N ASN A 63 16.79 0.36 -18.35
CA ASN A 63 16.67 -0.40 -19.58
C ASN A 63 15.26 -0.98 -19.73
N GLU A 64 14.89 -1.88 -18.85
CA GLU A 64 13.55 -2.47 -19.00
C GLU A 64 12.38 -1.45 -18.89
N ILE A 65 12.56 -0.13 -18.77
CA ILE A 65 11.41 0.77 -18.76
C ILE A 65 10.76 0.85 -20.14
N LYS A 66 11.55 0.77 -21.22
CA LYS A 66 10.94 0.75 -22.55
C LYS A 66 9.89 -0.35 -22.65
N SER A 67 10.15 -1.49 -21.99
CA SER A 67 9.27 -2.64 -22.02
C SER A 67 8.27 -2.60 -20.86
N MET A 68 7.57 -1.48 -20.75
CA MET A 68 6.49 -1.33 -19.79
C MET A 68 5.38 -0.50 -20.42
N GLY A 69 4.17 -0.65 -19.92
CA GLY A 69 3.03 -0.05 -20.59
C GLY A 69 2.76 1.39 -20.21
N LEU A 70 3.75 2.24 -20.42
CA LEU A 70 3.61 3.67 -20.15
C LEU A 70 3.62 4.44 -21.47
N ASP A 71 3.06 5.63 -21.45
CA ASP A 71 2.96 6.45 -22.64
C ASP A 71 3.62 7.78 -22.38
N GLU A 72 4.12 8.37 -23.46
CA GLU A 72 4.99 9.54 -23.41
C GLU A 72 4.23 10.83 -23.11
N THR A 73 2.88 10.79 -23.09
CA THR A 73 2.09 12.00 -22.94
C THR A 73 1.77 12.35 -21.49
N GLN A 74 1.98 11.43 -20.55
CA GLN A 74 1.78 11.63 -19.12
C GLN A 74 3.11 11.85 -18.43
N CYS A 75 3.09 12.56 -17.31
CA CYS A 75 4.25 12.65 -16.45
C CYS A 75 4.21 11.53 -15.42
N TYR A 76 5.38 10.99 -15.10
CA TYR A 76 5.54 9.96 -14.08
C TYR A 76 6.59 10.39 -13.08
N GLN A 77 6.35 10.14 -11.80
CA GLN A 77 7.35 10.28 -10.75
C GLN A 77 7.95 8.91 -10.47
N VAL A 78 9.26 8.79 -10.67
CA VAL A 78 9.96 7.51 -10.52
C VAL A 78 10.87 7.58 -9.30
N THR A 79 10.56 6.79 -8.27
CA THR A 79 11.39 6.74 -7.07
C THR A 79 12.11 5.39 -6.97
N CYS A 80 13.43 5.46 -6.75
CA CYS A 80 14.30 4.32 -6.58
C CYS A 80 14.90 4.28 -5.17
N TYR A 81 14.93 3.09 -4.58
CA TYR A 81 15.57 2.87 -3.27
C TYR A 81 16.73 1.91 -3.48
N LEU A 82 17.94 2.39 -3.25
CA LEU A 82 19.17 1.64 -3.48
C LEU A 82 19.86 1.32 -2.17
N THR A 83 20.33 0.08 -2.05
CA THR A 83 21.21 -0.26 -0.93
C THR A 83 22.50 0.53 -1.02
N TRP A 84 23.22 0.40 -2.14
CA TRP A 84 24.41 1.21 -2.41
C TRP A 84 24.10 2.33 -3.39
N SER A 85 24.63 3.53 -3.12
CA SER A 85 24.43 4.65 -4.01
C SER A 85 25.14 4.42 -5.35
N PRO A 86 24.74 5.14 -6.40
CA PRO A 86 25.19 4.80 -7.75
C PRO A 86 26.70 4.91 -7.98
N CYS A 87 27.22 3.96 -8.77
CA CYS A 87 28.42 4.09 -9.60
C CYS A 87 28.72 5.50 -10.09
N SER A 88 30.00 5.80 -10.35
CA SER A 88 30.30 6.93 -11.23
C SER A 88 29.85 6.63 -12.65
N SER A 89 30.00 5.37 -13.09
CA SER A 89 29.53 4.93 -14.40
C SER A 89 28.00 5.01 -14.52
N CYS A 90 27.28 4.56 -13.48
CA CYS A 90 25.83 4.56 -13.53
C CYS A 90 25.28 5.98 -13.44
N ALA A 91 25.94 6.82 -12.63
CA ALA A 91 25.57 8.23 -12.57
C ALA A 91 25.52 8.85 -13.97
N TRP A 92 26.56 8.61 -14.78
CA TRP A 92 26.58 9.12 -16.15
C TRP A 92 25.42 8.60 -16.97
N LYS A 93 25.05 7.32 -16.78
CA LYS A 93 23.99 6.76 -17.60
C LYS A 93 22.62 7.18 -17.12
N LEU A 94 22.45 7.36 -15.81
CA LEU A 94 21.18 7.87 -15.30
C LEU A 94 20.90 9.28 -15.82
N VAL A 95 21.90 10.17 -15.83
CA VAL A 95 21.66 11.53 -16.32
C VAL A 95 21.39 11.52 -17.82
N ASP A 96 22.16 10.72 -18.57
CA ASP A 96 21.87 10.55 -19.99
C ASP A 96 20.44 10.09 -20.22
N PHE A 97 19.95 9.17 -19.38
CA PHE A 97 18.62 8.60 -19.59
C PHE A 97 17.52 9.60 -19.21
N ILE A 98 17.70 10.34 -18.11
CA ILE A 98 16.72 11.34 -17.73
C ILE A 98 16.60 12.44 -18.78
N GLN A 99 17.74 12.83 -19.36
CA GLN A 99 17.76 13.93 -20.32
C GLN A 99 16.94 13.59 -21.57
N ALA A 100 16.95 12.32 -21.98
CA ALA A 100 16.20 11.88 -23.15
C ALA A 100 14.73 11.62 -22.86
N HIS A 101 14.33 11.42 -21.60
CA HIS A 101 12.95 11.11 -21.23
C HIS A 101 12.39 12.23 -20.35
N ASP A 102 11.91 13.30 -20.99
CA ASP A 102 11.31 14.40 -20.25
C ASP A 102 9.94 14.06 -19.66
N HIS A 103 9.39 12.87 -19.88
CA HIS A 103 8.11 12.49 -19.27
C HIS A 103 8.29 11.79 -17.92
N LEU A 104 9.53 11.61 -17.47
CA LEU A 104 9.87 10.91 -16.22
C LEU A 104 10.54 11.87 -15.25
N ASN A 105 10.11 11.86 -14.00
CA ASN A 105 10.81 12.63 -12.97
C ASN A 105 11.39 11.64 -11.97
N LEU A 106 12.71 11.47 -12.03
CA LEU A 106 13.41 10.47 -11.23
C LEU A 106 14.06 11.11 -10.01
N ARG A 107 13.99 10.41 -8.88
CA ARG A 107 14.74 10.79 -7.69
C ARG A 107 15.25 9.52 -7.02
N ILE A 108 16.45 9.60 -6.46
CA ILE A 108 17.17 8.44 -5.96
C ILE A 108 17.33 8.54 -4.44
N PHE A 109 17.24 7.40 -3.77
CA PHE A 109 17.44 7.32 -2.32
C PHE A 109 18.38 6.17 -2.02
N ALA A 110 19.51 6.46 -1.38
CA ALA A 110 20.52 5.46 -1.09
C ALA A 110 20.58 5.13 0.39
N SER A 111 20.60 3.84 0.71
CA SER A 111 20.78 3.44 2.10
C SER A 111 22.18 3.76 2.58
N ARG A 112 23.19 3.42 1.78
CA ARG A 112 24.59 3.71 2.07
C ARG A 112 25.28 4.29 0.85
N LEU A 113 26.31 5.09 1.11
CA LEU A 113 27.09 5.78 0.07
C LEU A 113 28.26 4.90 -0.37
N TYR A 114 28.27 4.52 -1.64
CA TYR A 114 29.22 3.53 -2.17
C TYR A 114 30.54 4.19 -2.51
N TYR A 115 31.58 3.88 -1.73
CA TYR A 115 32.91 4.42 -1.92
C TYR A 115 32.89 5.94 -1.87
N HIS A 116 32.28 6.49 -0.82
CA HIS A 116 32.00 7.91 -0.85
C HIS A 116 33.20 8.80 -0.60
N TRP A 117 34.35 8.22 -0.23
CA TRP A 117 35.57 8.97 0.03
C TRP A 117 36.37 9.22 -1.24
N CYS A 118 35.79 8.88 -2.40
CA CYS A 118 36.46 8.89 -3.68
C CYS A 118 35.88 9.96 -4.58
N LYS A 119 36.75 10.67 -5.28
CA LYS A 119 36.27 11.79 -6.09
C LYS A 119 35.35 11.34 -7.21
N PRO A 120 35.68 10.33 -8.02
CA PRO A 120 34.77 9.99 -9.14
C PRO A 120 33.37 9.60 -8.70
N GLN A 121 33.23 8.96 -7.54
CA GLN A 121 31.89 8.65 -7.04
C GLN A 121 31.19 9.91 -6.53
N GLN A 122 31.93 10.82 -5.88
CA GLN A 122 31.28 12.04 -5.38
C GLN A 122 30.84 12.94 -6.53
N GLU A 123 31.70 13.14 -7.54
CA GLU A 123 31.29 13.93 -8.70
C GLU A 123 30.04 13.35 -9.34
N GLY A 124 29.97 12.02 -9.41
CA GLY A 124 28.77 11.40 -9.96
C GLY A 124 27.52 11.74 -9.17
N LEU A 125 27.64 11.82 -7.84
CA LEU A 125 26.46 12.22 -7.05
C LEU A 125 26.15 13.69 -7.26
N ARG A 126 27.18 14.55 -7.21
CA ARG A 126 26.97 15.96 -7.50
C ARG A 126 26.33 16.14 -8.86
N LEU A 127 26.74 15.31 -9.83
CA LEU A 127 26.21 15.41 -11.18
C LEU A 127 24.72 15.10 -11.21
N LEU A 128 24.28 14.04 -10.51
CA LEU A 128 22.86 13.72 -10.48
C LEU A 128 22.06 14.88 -9.89
N CYS A 129 22.48 15.36 -8.74
CA CYS A 129 21.78 16.46 -8.09
C CYS A 129 21.72 17.68 -8.98
N GLY A 130 22.73 17.89 -9.82
CA GLY A 130 22.78 19.00 -10.74
C GLY A 130 22.16 18.73 -12.09
N SER A 131 21.56 17.56 -12.27
CA SER A 131 20.95 17.14 -13.53
C SER A 131 19.53 16.62 -13.29
N GLN A 132 18.77 17.31 -12.45
CA GLN A 132 17.37 16.98 -12.20
C GLN A 132 17.19 15.57 -11.65
N VAL A 133 18.24 14.98 -11.07
CA VAL A 133 18.11 13.68 -10.41
C VAL A 133 18.50 13.83 -8.95
N PRO A 134 17.57 14.25 -8.11
CA PRO A 134 17.85 14.38 -6.67
C PRO A 134 18.37 13.07 -6.06
N VAL A 135 19.49 13.17 -5.35
CA VAL A 135 19.97 12.08 -4.50
C VAL A 135 19.83 12.49 -3.05
N GLU A 136 19.12 11.66 -2.27
CA GLU A 136 19.05 11.77 -0.83
C GLU A 136 19.45 10.44 -0.18
N VAL A 137 19.74 10.48 1.11
CA VAL A 137 19.96 9.26 1.89
C VAL A 137 18.62 8.81 2.47
N MET A 138 18.33 7.51 2.36
CA MET A 138 17.08 6.94 2.89
C MET A 138 16.94 7.26 4.36
N GLY A 139 15.75 7.73 4.75
CA GLY A 139 15.46 7.98 6.14
C GLY A 139 14.34 7.08 6.64
N LEU A 140 13.88 7.32 7.87
CA LEU A 140 12.75 6.57 8.39
C LEU A 140 11.59 6.53 7.41
N PRO A 141 11.17 7.63 6.77
CA PRO A 141 10.07 7.52 5.80
C PRO A 141 10.37 6.54 4.67
N GLU A 142 11.58 6.61 4.11
CA GLU A 142 11.91 5.77 2.96
C GLU A 142 12.09 4.32 3.38
N PHE A 143 12.76 4.07 4.51
CA PHE A 143 12.80 2.72 5.05
C PHE A 143 11.40 2.20 5.36
N ASN A 144 10.56 3.02 5.99
CA ASN A 144 9.16 2.65 6.22
C ASN A 144 8.50 2.23 4.91
N ASP A 145 8.60 3.11 3.91
CA ASP A 145 7.97 2.91 2.61
C ASP A 145 8.38 1.57 2.03
N CYS A 146 9.68 1.29 2.05
CA CYS A 146 10.25 0.15 1.34
C CYS A 146 9.92 -1.17 2.04
N TRP A 147 9.99 -1.18 3.37
CA TRP A 147 9.48 -2.34 4.12
C TRP A 147 8.03 -2.60 3.78
N GLU A 148 7.18 -1.58 3.85
CA GLU A 148 5.76 -1.86 3.76
C GLU A 148 5.38 -2.42 2.38
N ASN A 149 5.91 -1.85 1.30
CA ASN A 149 5.42 -2.22 -0.02
C ASN A 149 6.22 -3.30 -0.72
N PHE A 150 7.41 -3.66 -0.23
CA PHE A 150 8.34 -4.47 -1.02
C PHE A 150 8.73 -5.80 -0.41
N VAL A 151 8.29 -6.14 0.81
CA VAL A 151 8.67 -7.41 1.41
C VAL A 151 7.43 -8.12 1.95
N ASP A 152 7.42 -9.45 1.79
CA ASP A 152 6.31 -10.28 2.23
C ASP A 152 6.24 -10.36 3.76
N HIS A 153 5.04 -10.18 4.30
CA HIS A 153 4.82 -10.17 5.74
C HIS A 153 3.96 -11.35 6.21
N GLU A 154 4.04 -12.49 5.52
CA GLU A 154 3.33 -13.68 5.95
C GLU A 154 4.12 -14.43 7.01
N LYS A 155 5.38 -14.70 6.73
CA LYS A 155 6.18 -15.52 7.61
C LYS A 155 6.39 -14.85 8.96
N PRO A 156 6.52 -15.63 10.03
CA PRO A 156 6.91 -15.05 11.31
C PRO A 156 8.37 -14.63 11.29
N LEU A 157 8.64 -13.47 11.84
CA LEU A 157 9.97 -12.92 11.77
C LEU A 157 10.79 -13.34 12.99
N SER A 158 12.08 -13.56 12.76
CA SER A 158 13.04 -13.86 13.81
C SER A 158 13.55 -12.60 14.48
N PHE A 159 12.96 -11.45 14.17
CA PHE A 159 13.40 -10.18 14.74
C PHE A 159 12.22 -9.22 14.74
N ASP A 160 12.40 -8.08 15.43
CA ASP A 160 11.31 -7.13 15.65
C ASP A 160 11.44 -6.00 14.65
N PRO A 161 10.56 -5.87 13.65
CA PRO A 161 10.81 -4.91 12.57
C PRO A 161 10.77 -3.48 13.05
N CYS A 162 10.11 -3.19 14.18
CA CYS A 162 10.11 -1.81 14.66
C CYS A 162 11.50 -1.41 15.16
N LYS A 163 12.15 -2.27 15.93
CA LYS A 163 13.49 -1.94 16.40
C LYS A 163 14.48 -1.90 15.24
N MET A 164 14.25 -2.71 14.20
CA MET A 164 15.16 -2.70 13.06
C MET A 164 15.10 -1.37 12.32
N LEU A 165 13.89 -0.93 11.95
CA LEU A 165 13.74 0.37 11.33
C LEU A 165 14.22 1.51 12.24
N GLU A 166 14.06 1.36 13.55
CA GLU A 166 14.55 2.39 14.47
C GLU A 166 16.04 2.57 14.32
N GLU A 167 16.78 1.47 14.26
CA GLU A 167 18.23 1.59 14.12
C GLU A 167 18.60 2.10 12.74
N LEU A 168 17.93 1.60 11.69
CA LEU A 168 18.10 2.16 10.36
C LEU A 168 17.96 3.68 10.39
N ASP A 169 16.88 4.19 10.97
CA ASP A 169 16.70 5.64 11.08
C ASP A 169 17.85 6.26 11.85
N LYS A 170 18.25 5.66 12.98
CA LYS A 170 19.33 6.24 13.77
C LYS A 170 20.64 6.24 12.98
N ASN A 171 20.91 5.16 12.25
CA ASN A 171 22.16 5.07 11.52
C ASN A 171 22.20 6.02 10.32
N SER A 172 21.07 6.33 9.72
CA SER A 172 21.06 7.19 8.55
C SER A 172 21.44 8.62 8.86
N ARG A 173 21.53 9.02 10.13
CA ARG A 173 21.80 10.42 10.42
C ARG A 173 23.22 10.80 10.01
N ALA A 174 24.22 10.03 10.44
CA ALA A 174 25.59 10.33 10.06
C ALA A 174 25.77 10.23 8.55
N ILE A 175 25.16 9.23 7.93
CA ILE A 175 25.26 9.04 6.49
C ILE A 175 24.63 10.21 5.74
N LYS A 176 23.54 10.77 6.27
CA LYS A 176 22.97 11.97 5.66
C LYS A 176 23.95 13.12 5.73
N ARG A 177 24.62 13.28 6.88
CA ARG A 177 25.61 14.34 7.05
C ARG A 177 26.74 14.22 6.06
N ARG A 178 27.13 12.98 5.73
CA ARG A 178 28.18 12.75 4.76
C ARG A 178 27.74 13.15 3.34
N LEU A 179 26.51 12.79 2.96
CA LEU A 179 26.04 13.19 1.63
C LEU A 179 25.97 14.71 1.50
N GLU A 180 25.49 15.40 2.54
CA GLU A 180 25.41 16.86 2.46
C GLU A 180 26.78 17.49 2.23
N ARG A 181 27.80 17.02 2.95
CA ARG A 181 29.16 17.55 2.72
C ARG A 181 29.58 17.32 1.26
N ILE A 182 29.37 16.11 0.75
CA ILE A 182 29.71 15.83 -0.64
C ILE A 182 28.99 16.78 -1.58
N LYS A 183 27.71 17.02 -1.35
CA LYS A 183 26.94 17.91 -2.21
C LYS A 183 27.41 19.35 -2.13
N GLN A 184 28.24 19.71 -1.16
CA GLN A 184 28.69 21.08 -1.00
C GLN A 184 30.02 21.36 -1.66
N SER A 185 30.85 20.34 -1.87
CA SER A 185 32.14 20.50 -2.52
C SER A 185 31.96 20.86 -3.99
N ALA B 4 -5.64 -14.22 -5.21
CA ALA B 4 -5.85 -13.48 -3.97
C ALA B 4 -6.58 -12.17 -4.24
N LEU B 5 -6.21 -11.51 -5.34
CA LEU B 5 -6.72 -10.18 -5.64
C LEU B 5 -8.04 -10.25 -6.40
N LEU B 6 -9.00 -9.40 -6.01
CA LEU B 6 -10.21 -9.23 -6.80
C LEU B 6 -9.85 -8.74 -8.20
N THR B 7 -10.62 -9.20 -9.18
CA THR B 7 -10.47 -8.64 -10.53
C THR B 7 -11.06 -7.25 -10.58
N ALA B 8 -10.47 -6.40 -11.42
CA ALA B 8 -10.93 -5.02 -11.53
C ALA B 8 -12.38 -4.95 -11.98
N GLU B 9 -12.84 -5.93 -12.75
CA GLU B 9 -14.25 -5.95 -13.13
C GLU B 9 -15.12 -6.34 -11.95
N THR B 10 -14.64 -7.26 -11.10
CA THR B 10 -15.39 -7.59 -9.90
C THR B 10 -15.54 -6.37 -9.01
N PHE B 11 -14.46 -5.60 -8.86
CA PHE B 11 -14.56 -4.40 -8.05
C PHE B 11 -15.65 -3.48 -8.59
N ARG B 12 -15.54 -3.08 -9.87
CA ARG B 12 -16.47 -2.12 -10.47
C ARG B 12 -17.91 -2.60 -10.38
N LEU B 13 -18.15 -3.88 -10.65
CA LEU B 13 -19.52 -4.39 -10.67
C LEU B 13 -20.08 -4.49 -9.25
N GLN B 14 -19.29 -5.02 -8.31
CA GLN B 14 -19.81 -5.41 -7.00
C GLN B 14 -19.86 -4.24 -6.02
N PHE B 15 -18.98 -3.26 -6.16
CA PHE B 15 -19.00 -2.07 -5.33
C PHE B 15 -19.85 -0.96 -5.93
N ASN B 16 -20.35 -1.16 -7.14
CA ASN B 16 -21.24 -0.22 -7.83
C ASN B 16 -22.40 0.20 -6.96
N ASN B 17 -22.42 1.47 -6.56
CA ASN B 17 -23.43 2.01 -5.66
C ASN B 17 -24.49 2.80 -6.41
N ARG B 18 -24.70 2.51 -7.69
CA ARG B 18 -25.60 3.34 -8.50
C ARG B 18 -27.03 3.22 -8.02
N ARG B 19 -27.75 4.33 -8.14
CA ARG B 19 -29.19 4.41 -7.88
C ARG B 19 -29.89 3.22 -8.49
N ARG B 20 -29.84 3.12 -9.83
CA ARG B 20 -30.43 2.01 -10.57
C ARG B 20 -29.39 1.42 -11.52
N LEU B 21 -29.40 0.10 -11.63
CA LEU B 21 -28.43 -0.62 -12.44
C LEU B 21 -28.52 -0.24 -13.91
N ARG B 22 -27.37 -0.29 -14.60
CA ARG B 22 -27.24 -0.20 -16.04
C ARG B 22 -27.16 -1.60 -16.65
N ARG B 23 -27.68 -1.74 -17.87
CA ARG B 23 -27.53 -3.00 -18.59
C ARG B 23 -26.08 -3.17 -19.05
N PRO B 24 -25.60 -4.42 -19.13
CA PRO B 24 -26.24 -5.70 -18.77
C PRO B 24 -26.46 -5.90 -17.27
N TYR B 25 -27.64 -6.41 -16.90
CA TYR B 25 -27.96 -6.63 -15.50
C TYR B 25 -27.19 -7.83 -14.95
N TYR B 26 -26.88 -7.75 -13.65
CA TYR B 26 -26.08 -8.74 -12.95
C TYR B 26 -26.42 -8.63 -11.46
N PRO B 27 -26.39 -9.74 -10.73
CA PRO B 27 -26.65 -9.66 -9.28
C PRO B 27 -25.51 -8.97 -8.54
N ARG B 28 -25.85 -7.95 -7.75
CA ARG B 28 -24.87 -7.32 -6.86
C ARG B 28 -24.81 -8.17 -5.59
N LYS B 29 -23.78 -9.00 -5.51
CA LYS B 29 -23.59 -9.94 -4.41
C LYS B 29 -22.94 -9.26 -3.21
N ALA B 30 -23.11 -9.89 -2.05
CA ALA B 30 -22.42 -9.41 -0.87
C ALA B 30 -20.93 -9.71 -0.99
N LEU B 31 -20.10 -8.80 -0.49
CA LEU B 31 -18.65 -8.95 -0.54
C LEU B 31 -18.07 -8.07 0.56
N LEU B 32 -17.01 -8.56 1.22
CA LEU B 32 -16.44 -7.88 2.36
C LEU B 32 -14.93 -7.80 2.19
N CYS B 33 -14.39 -6.60 2.35
CA CYS B 33 -12.95 -6.38 2.31
C CYS B 33 -12.55 -5.87 3.68
N TYR B 34 -11.79 -6.70 4.41
CA TYR B 34 -11.29 -6.39 5.74
C TYR B 34 -9.80 -6.12 5.66
N GLN B 35 -9.33 -5.37 6.65
CA GLN B 35 -7.91 -5.11 6.78
C GLN B 35 -7.64 -4.90 8.26
N LEU B 36 -6.66 -5.63 8.77
CA LEU B 36 -6.36 -5.64 10.20
C LEU B 36 -4.98 -5.03 10.38
N THR B 37 -4.91 -3.99 11.19
CA THR B 37 -3.68 -3.27 11.46
C THR B 37 -3.38 -3.32 12.95
N PRO B 38 -2.20 -3.78 13.37
CA PRO B 38 -1.82 -3.63 14.77
C PRO B 38 -1.45 -2.18 15.04
N GLN B 39 -1.42 -1.81 16.31
CA GLN B 39 -1.08 -0.43 16.65
C GLN B 39 0.29 -0.30 17.31
N ASN B 40 1.13 -1.33 17.18
CA ASN B 40 2.53 -1.26 17.57
C ASN B 40 3.43 -0.79 16.44
N GLY B 41 2.86 -0.12 15.43
CA GLY B 41 3.59 0.15 14.21
C GLY B 41 3.95 -1.16 13.53
N SER B 42 3.02 -1.74 12.79
CA SER B 42 3.25 -3.02 12.13
C SER B 42 2.44 -3.10 10.85
N THR B 43 2.68 -4.20 10.10
CA THR B 43 2.20 -4.44 8.74
C THR B 43 0.74 -4.88 8.74
N PRO B 44 -0.04 -4.41 7.78
CA PRO B 44 -1.45 -4.79 7.69
C PRO B 44 -1.67 -6.12 6.99
N THR B 45 -2.76 -6.79 7.37
CA THR B 45 -3.19 -8.08 6.83
C THR B 45 -4.56 -7.94 6.19
N ARG B 46 -4.76 -8.60 5.05
CA ARG B 46 -5.92 -8.33 4.22
C ARG B 46 -6.48 -9.62 3.62
N GLY B 47 -7.74 -9.53 3.21
CA GLY B 47 -8.47 -10.64 2.62
C GLY B 47 -9.89 -10.18 2.31
N TYR B 48 -10.66 -11.10 1.73
CA TYR B 48 -12.03 -10.74 1.37
C TYR B 48 -12.91 -11.98 1.44
N PHE B 49 -14.19 -11.74 1.76
CA PHE B 49 -15.17 -12.80 1.92
C PHE B 49 -16.43 -12.49 1.14
N GLU B 50 -17.09 -13.54 0.68
CA GLU B 50 -18.43 -13.49 0.10
C GLU B 50 -19.39 -14.16 1.04
N ASN B 51 -20.62 -14.35 0.59
CA ASN B 51 -21.57 -15.19 1.30
C ASN B 51 -21.37 -16.63 0.83
N LYS B 52 -21.24 -17.55 1.79
CA LYS B 52 -21.26 -18.95 1.40
C LYS B 52 -22.16 -19.79 2.31
N LYS B 53 -21.74 -21.04 2.55
CA LYS B 53 -22.46 -22.09 3.29
C LYS B 53 -23.56 -21.61 4.22
N LYS B 54 -23.27 -21.60 5.52
CA LYS B 54 -24.23 -21.14 6.52
C LYS B 54 -23.67 -19.88 7.17
N CYS B 55 -23.27 -18.92 6.34
CA CYS B 55 -22.36 -17.88 6.78
C CYS B 55 -22.93 -16.47 6.68
N HIS B 56 -22.65 -15.80 5.55
CA HIS B 56 -22.66 -14.37 5.30
C HIS B 56 -21.25 -13.84 5.54
N ALA B 57 -20.82 -12.91 4.69
CA ALA B 57 -19.42 -12.49 4.66
C ALA B 57 -18.96 -11.97 6.02
N GLU B 58 -19.84 -11.24 6.73
CA GLU B 58 -19.49 -10.77 8.08
C GLU B 58 -19.25 -11.94 9.02
N ILE B 59 -20.10 -12.96 8.98
CA ILE B 59 -19.92 -14.09 9.89
C ILE B 59 -18.70 -14.90 9.47
N CYS B 60 -18.44 -15.01 8.17
CA CYS B 60 -17.22 -15.66 7.70
C CYS B 60 -15.98 -14.94 8.22
N PHE B 61 -16.06 -13.63 8.39
CA PHE B 61 -14.93 -12.82 8.82
C PHE B 61 -14.75 -12.88 10.33
N ILE B 62 -15.85 -12.95 11.09
CA ILE B 62 -15.75 -13.06 12.54
C ILE B 62 -14.94 -14.29 12.94
N ASN B 63 -15.24 -15.43 12.32
CA ASN B 63 -14.53 -16.66 12.67
C ASN B 63 -13.10 -16.66 12.17
N GLU B 64 -12.83 -15.94 11.08
CA GLU B 64 -11.45 -15.84 10.60
C GLU B 64 -10.56 -15.17 11.65
N ILE B 65 -11.02 -14.04 12.21
CA ILE B 65 -10.28 -13.37 13.28
C ILE B 65 -9.97 -14.36 14.39
N LYS B 66 -11.00 -15.09 14.87
CA LYS B 66 -10.81 -16.09 15.91
C LYS B 66 -9.69 -17.06 15.54
N SER B 67 -9.61 -17.46 14.27
CA SER B 67 -8.58 -18.40 13.86
C SER B 67 -7.18 -17.83 14.10
N MET B 68 -6.98 -16.56 13.72
CA MET B 68 -5.66 -15.95 13.77
C MET B 68 -5.04 -15.92 15.17
N GLY B 69 -5.85 -16.09 16.22
CA GLY B 69 -5.38 -16.07 17.58
C GLY B 69 -4.60 -14.82 17.96
N LEU B 70 -5.21 -13.66 17.76
CA LEU B 70 -4.50 -12.38 17.88
C LEU B 70 -3.93 -12.17 19.28
N ASP B 71 -3.18 -11.08 19.46
CA ASP B 71 -2.52 -10.77 20.72
C ASP B 71 -3.47 -9.93 21.57
N GLU B 72 -4.15 -10.57 22.52
CA GLU B 72 -5.13 -9.87 23.33
C GLU B 72 -4.52 -8.74 24.17
N THR B 73 -3.19 -8.66 24.28
CA THR B 73 -2.52 -7.54 24.93
C THR B 73 -2.34 -6.33 24.00
N GLN B 74 -2.85 -6.41 22.77
CA GLN B 74 -2.62 -5.44 21.71
C GLN B 74 -3.93 -4.92 21.13
N CYS B 75 -4.03 -3.61 20.92
CA CYS B 75 -5.18 -3.06 20.20
C CYS B 75 -4.90 -3.13 18.71
N TYR B 76 -5.90 -3.63 17.96
CA TYR B 76 -5.85 -3.67 16.49
C TYR B 76 -6.94 -2.76 15.92
N GLN B 77 -6.62 -2.10 14.81
CA GLN B 77 -7.61 -1.39 14.02
C GLN B 77 -8.14 -2.30 12.92
N VAL B 78 -9.44 -2.59 12.95
CA VAL B 78 -10.12 -3.47 12.00
C VAL B 78 -11.07 -2.63 11.15
N THR B 79 -10.80 -2.53 9.86
CA THR B 79 -11.67 -1.79 8.94
C THR B 79 -12.27 -2.76 7.92
N CYS B 80 -13.59 -2.68 7.75
CA CYS B 80 -14.32 -3.49 6.80
C CYS B 80 -14.96 -2.62 5.72
N TYR B 81 -14.98 -3.12 4.49
CA TYR B 81 -15.65 -2.46 3.36
C TYR B 81 -16.67 -3.44 2.80
N LEU B 82 -17.95 -3.11 2.97
CA LEU B 82 -19.06 -3.98 2.59
C LEU B 82 -19.78 -3.34 1.42
N THR B 83 -20.07 -4.15 0.39
CA THR B 83 -20.89 -3.63 -0.70
C THR B 83 -22.31 -3.39 -0.23
N TRP B 84 -22.81 -4.26 0.66
CA TRP B 84 -24.14 -4.18 1.28
C TRP B 84 -23.98 -4.03 2.78
N SER B 85 -24.58 -2.99 3.35
CA SER B 85 -24.52 -2.82 4.79
C SER B 85 -25.16 -4.04 5.47
N PRO B 86 -24.81 -4.32 6.73
CA PRO B 86 -25.13 -5.63 7.31
C PRO B 86 -26.61 -5.83 7.59
N CYS B 87 -27.00 -7.11 7.60
CA CYS B 87 -28.21 -7.68 8.21
C CYS B 87 -28.71 -6.98 9.47
N SER B 88 -29.94 -7.30 9.89
CA SER B 88 -30.29 -7.15 11.31
C SER B 88 -29.59 -8.23 12.13
N SER B 89 -29.64 -9.47 11.64
CA SER B 89 -29.03 -10.59 12.36
C SER B 89 -27.51 -10.46 12.43
N CYS B 90 -26.87 -10.10 11.31
CA CYS B 90 -25.43 -9.88 11.35
C CYS B 90 -25.10 -8.67 12.21
N ALA B 91 -25.96 -7.65 12.20
CA ALA B 91 -25.80 -6.55 13.15
C ALA B 91 -25.64 -7.08 14.58
N TRP B 92 -26.59 -7.91 15.04
CA TRP B 92 -26.48 -8.47 16.38
C TRP B 92 -25.18 -9.26 16.55
N LYS B 93 -24.90 -10.16 15.60
CA LYS B 93 -23.73 -11.03 15.77
C LYS B 93 -22.44 -10.22 15.81
N LEU B 94 -22.42 -9.05 15.16
CA LEU B 94 -21.24 -8.19 15.20
C LEU B 94 -21.14 -7.45 16.53
N VAL B 95 -22.28 -6.93 17.02
CA VAL B 95 -22.30 -6.23 18.31
C VAL B 95 -21.81 -7.16 19.42
N ASP B 96 -22.30 -8.41 19.43
CA ASP B 96 -21.76 -9.40 20.32
C ASP B 96 -20.25 -9.52 20.16
N PHE B 97 -19.80 -9.89 18.96
CA PHE B 97 -18.39 -10.14 18.71
C PHE B 97 -17.50 -9.03 19.30
N ILE B 98 -17.79 -7.77 18.96
CA ILE B 98 -16.96 -6.66 19.43
C ILE B 98 -17.00 -6.53 20.95
N GLN B 99 -18.11 -6.93 21.58
CA GLN B 99 -18.18 -6.82 23.02
C GLN B 99 -17.27 -7.82 23.71
N ALA B 100 -17.08 -9.01 23.12
CA ALA B 100 -16.19 -10.04 23.61
C ALA B 100 -14.72 -9.79 23.26
N HIS B 101 -14.43 -8.83 22.39
CA HIS B 101 -13.06 -8.56 21.93
C HIS B 101 -12.79 -7.06 22.03
N ASP B 102 -12.75 -6.53 23.26
CA ASP B 102 -12.58 -5.09 23.40
C ASP B 102 -11.24 -4.60 22.84
N HIS B 103 -10.21 -5.47 22.77
CA HIS B 103 -8.91 -5.17 22.13
C HIS B 103 -9.01 -4.99 20.55
N LEU B 104 -10.17 -4.95 19.91
CA LEU B 104 -10.29 -4.67 18.49
C LEU B 104 -11.13 -3.41 18.31
N ASN B 105 -10.66 -2.48 17.51
CA ASN B 105 -11.43 -1.28 17.19
C ASN B 105 -12.05 -1.45 15.81
N LEU B 106 -13.34 -1.75 15.79
CA LEU B 106 -14.05 -2.09 14.56
C LEU B 106 -14.66 -0.84 13.94
N ARG B 107 -14.47 -0.69 12.64
CA ARG B 107 -15.14 0.33 11.85
C ARG B 107 -15.66 -0.33 10.58
N ILE B 108 -16.85 0.07 10.16
CA ILE B 108 -17.55 -0.58 9.06
C ILE B 108 -17.95 0.48 8.05
N PHE B 109 -17.69 0.21 6.78
CA PHE B 109 -18.06 1.10 5.68
C PHE B 109 -18.89 0.30 4.69
N ALA B 110 -20.05 0.83 4.33
CA ALA B 110 -20.93 0.18 3.38
C ALA B 110 -20.91 0.96 2.08
N SER B 111 -20.92 0.25 0.95
CA SER B 111 -21.14 0.95 -0.31
C SER B 111 -22.63 1.27 -0.47
N ARG B 112 -23.50 0.28 -0.22
CA ARG B 112 -24.93 0.51 -0.28
C ARG B 112 -25.60 0.11 1.04
N LEU B 113 -26.73 0.72 1.32
CA LEU B 113 -27.51 0.47 2.53
C LEU B 113 -28.56 -0.58 2.22
N TYR B 114 -28.44 -1.75 2.84
CA TYR B 114 -29.25 -2.92 2.48
C TYR B 114 -30.60 -2.85 3.18
N TYR B 115 -31.68 -2.68 2.40
CA TYR B 115 -33.05 -2.60 2.91
C TYR B 115 -33.20 -1.49 3.94
N HIS B 116 -32.63 -0.33 3.64
CA HIS B 116 -32.57 0.74 4.62
C HIS B 116 -33.91 1.35 4.94
N TRP B 117 -34.96 1.03 4.18
CA TRP B 117 -36.32 1.50 4.45
C TRP B 117 -37.09 0.60 5.42
N CYS B 118 -36.47 -0.47 5.89
CA CYS B 118 -37.09 -1.38 6.85
C CYS B 118 -36.53 -1.12 8.24
N LYS B 119 -37.42 -1.19 9.21
CA LYS B 119 -37.09 -0.86 10.60
C LYS B 119 -36.02 -1.78 11.16
N PRO B 120 -36.09 -3.11 10.98
CA PRO B 120 -35.05 -3.96 11.58
C PRO B 120 -33.65 -3.62 11.09
N GLN B 121 -33.45 -3.49 9.77
CA GLN B 121 -32.14 -3.09 9.28
C GLN B 121 -31.74 -1.72 9.82
N GLN B 122 -32.71 -0.81 9.95
CA GLN B 122 -32.45 0.50 10.55
C GLN B 122 -31.94 0.33 11.98
N GLU B 123 -32.76 -0.27 12.84
CA GLU B 123 -32.35 -0.51 14.22
C GLU B 123 -31.00 -1.20 14.28
N GLY B 124 -30.82 -2.22 13.44
CA GLY B 124 -29.53 -2.89 13.38
C GLY B 124 -28.37 -1.92 13.21
N LEU B 125 -28.49 -0.95 12.29
CA LEU B 125 -27.36 -0.04 12.06
C LEU B 125 -27.22 0.97 13.19
N ARG B 126 -28.33 1.44 13.76
CA ARG B 126 -28.23 2.35 14.90
C ARG B 126 -27.56 1.66 16.08
N LEU B 127 -27.72 0.34 16.19
CA LEU B 127 -27.14 -0.42 17.29
C LEU B 127 -25.63 -0.52 17.13
N LEU B 128 -25.19 -0.98 15.96
CA LEU B 128 -23.78 -0.94 15.57
C LEU B 128 -23.15 0.38 15.98
N CYS B 129 -23.77 1.49 15.61
CA CYS B 129 -23.22 2.79 15.98
C CYS B 129 -23.34 3.08 17.46
N GLY B 130 -24.21 2.37 18.17
CA GLY B 130 -24.32 2.55 19.60
C GLY B 130 -23.44 1.63 20.41
N SER B 131 -22.86 0.61 19.77
CA SER B 131 -22.17 -0.48 20.42
C SER B 131 -20.71 -0.55 19.97
N GLN B 132 -20.09 0.63 19.81
CA GLN B 132 -18.68 0.82 19.46
C GLN B 132 -18.36 0.51 18.01
N VAL B 133 -19.37 0.28 17.17
CA VAL B 133 -19.11 -0.07 15.78
C VAL B 133 -19.60 1.04 14.86
N PRO B 134 -18.84 2.11 14.67
CA PRO B 134 -19.29 3.18 13.76
C PRO B 134 -19.57 2.64 12.38
N VAL B 135 -20.72 3.05 11.83
CA VAL B 135 -21.12 2.70 10.46
C VAL B 135 -21.09 3.96 9.61
N GLU B 136 -20.34 3.91 8.51
CA GLU B 136 -20.32 5.01 7.56
C GLU B 136 -20.54 4.48 6.14
N VAL B 137 -20.88 5.37 5.26
CA VAL B 137 -20.93 5.07 3.84
C VAL B 137 -19.54 5.29 3.25
N MET B 138 -19.08 4.34 2.42
CA MET B 138 -17.86 4.54 1.65
C MET B 138 -17.95 5.82 0.84
N GLY B 139 -16.87 6.60 0.86
CA GLY B 139 -16.73 7.72 -0.05
C GLY B 139 -15.45 7.56 -0.83
N LEU B 140 -15.07 8.55 -1.66
CA LEU B 140 -13.81 8.48 -2.41
C LEU B 140 -12.65 7.94 -1.58
N PRO B 141 -12.37 8.43 -0.36
CA PRO B 141 -11.25 7.86 0.41
C PRO B 141 -11.28 6.35 0.52
N GLU B 142 -12.45 5.78 0.86
CA GLU B 142 -12.56 4.35 1.07
C GLU B 142 -12.61 3.60 -0.25
N PHE B 143 -13.33 4.11 -1.25
CA PHE B 143 -13.26 3.50 -2.58
C PHE B 143 -11.83 3.49 -3.09
N ASN B 144 -11.09 4.58 -2.88
CA ASN B 144 -9.67 4.64 -3.24
C ASN B 144 -8.87 3.52 -2.57
N ASP B 145 -8.98 3.41 -1.25
CA ASP B 145 -8.14 2.45 -0.55
C ASP B 145 -8.49 1.02 -0.98
N CYS B 146 -9.77 0.75 -1.22
CA CYS B 146 -10.15 -0.61 -1.57
C CYS B 146 -9.66 -1.00 -2.96
N TRP B 147 -9.78 -0.08 -3.93
CA TRP B 147 -9.22 -0.35 -5.26
C TRP B 147 -7.72 -0.58 -5.18
N GLU B 148 -7.01 0.34 -4.53
CA GLU B 148 -5.56 0.25 -4.49
C GLU B 148 -5.09 -1.11 -3.98
N ASN B 149 -5.63 -1.55 -2.83
CA ASN B 149 -5.06 -2.69 -2.09
C ASN B 149 -5.77 -4.03 -2.30
N PHE B 150 -6.97 -4.06 -2.90
CA PHE B 150 -7.69 -5.32 -3.01
C PHE B 150 -7.91 -5.78 -4.45
N VAL B 151 -7.44 -5.02 -5.43
CA VAL B 151 -7.78 -5.26 -6.83
C VAL B 151 -6.50 -5.55 -7.60
N ASP B 152 -6.56 -6.57 -8.46
CA ASP B 152 -5.46 -6.87 -9.35
C ASP B 152 -5.34 -5.80 -10.44
N HIS B 153 -4.16 -5.19 -10.57
CA HIS B 153 -3.91 -4.16 -11.57
C HIS B 153 -2.91 -4.58 -12.64
N GLU B 154 -2.75 -5.89 -12.87
CA GLU B 154 -1.78 -6.35 -13.86
C GLU B 154 -2.33 -6.30 -15.27
N LYS B 155 -3.65 -6.44 -15.45
CA LYS B 155 -4.22 -6.56 -16.77
C LYS B 155 -4.85 -5.25 -17.22
N PRO B 156 -5.01 -5.05 -18.53
CA PRO B 156 -5.49 -3.76 -19.03
C PRO B 156 -7.00 -3.68 -18.94
N LEU B 157 -7.49 -2.56 -18.42
CA LEU B 157 -8.92 -2.43 -18.12
C LEU B 157 -9.71 -2.01 -19.35
N SER B 158 -10.95 -2.48 -19.41
CA SER B 158 -11.89 -2.09 -20.43
C SER B 158 -12.65 -0.83 -20.07
N PHE B 159 -12.20 -0.11 -19.05
CA PHE B 159 -12.87 1.11 -18.63
C PHE B 159 -11.87 2.01 -17.92
N ASP B 160 -12.24 3.26 -17.73
CA ASP B 160 -11.36 4.22 -17.05
C ASP B 160 -11.52 4.11 -15.54
N PRO B 161 -10.47 3.73 -14.79
CA PRO B 161 -10.64 3.59 -13.34
C PRO B 161 -10.93 4.92 -12.66
N CYS B 162 -10.29 6.02 -13.08
CA CYS B 162 -10.52 7.28 -12.39
C CYS B 162 -11.95 7.78 -12.56
N LYS B 163 -12.52 7.62 -13.77
CA LYS B 163 -13.91 8.03 -13.94
C LYS B 163 -14.83 7.15 -13.08
N MET B 164 -14.59 5.83 -13.08
CA MET B 164 -15.38 4.93 -12.25
C MET B 164 -15.36 5.34 -10.79
N LEU B 165 -14.19 5.66 -10.25
CA LEU B 165 -14.09 6.11 -8.87
C LEU B 165 -14.84 7.43 -8.66
N GLU B 166 -14.65 8.36 -9.60
CA GLU B 166 -15.43 9.60 -9.65
C GLU B 166 -16.92 9.36 -9.42
N GLU B 167 -17.45 8.31 -10.03
CA GLU B 167 -18.90 8.10 -10.04
C GLU B 167 -19.37 7.49 -8.72
N LEU B 168 -18.58 6.62 -8.13
CA LEU B 168 -18.87 6.14 -6.78
C LEU B 168 -18.91 7.31 -5.79
N ASP B 169 -17.91 8.18 -5.84
CA ASP B 169 -17.93 9.38 -5.02
C ASP B 169 -19.24 10.14 -5.17
N LYS B 170 -19.62 10.45 -6.42
CA LYS B 170 -20.84 11.19 -6.70
C LYS B 170 -22.07 10.48 -6.15
N ASN B 171 -22.21 9.20 -6.47
CA ASN B 171 -23.36 8.44 -5.98
C ASN B 171 -23.35 8.31 -4.45
N SER B 172 -22.18 8.28 -3.82
CA SER B 172 -22.19 8.04 -2.39
C SER B 172 -22.79 9.19 -1.60
N ARG B 173 -22.98 10.36 -2.21
CA ARG B 173 -23.44 11.50 -1.41
C ARG B 173 -24.87 11.30 -0.94
N ALA B 174 -25.77 10.90 -1.83
CA ALA B 174 -27.16 10.72 -1.41
C ALA B 174 -27.29 9.55 -0.45
N ILE B 175 -26.48 8.51 -0.66
CA ILE B 175 -26.42 7.39 0.26
C ILE B 175 -25.93 7.83 1.63
N LYS B 176 -25.06 8.85 1.68
CA LYS B 176 -24.60 9.35 2.96
C LYS B 176 -25.71 10.09 3.72
N ARG B 177 -26.43 10.98 3.04
CA ARG B 177 -27.50 11.71 3.72
C ARG B 177 -28.56 10.76 4.25
N ARG B 178 -28.80 9.67 3.53
CA ARG B 178 -29.75 8.67 3.98
C ARG B 178 -29.26 7.98 5.25
N LEU B 179 -27.96 7.66 5.32
CA LEU B 179 -27.46 7.04 6.55
C LEU B 179 -27.54 8.01 7.73
N GLU B 180 -27.15 9.27 7.51
CA GLU B 180 -27.27 10.28 8.55
C GLU B 180 -28.69 10.35 9.10
N ARG B 181 -29.70 10.37 8.22
CA ARG B 181 -31.08 10.46 8.68
C ARG B 181 -31.48 9.26 9.52
N ILE B 182 -30.92 8.08 9.22
CA ILE B 182 -31.26 6.88 9.97
C ILE B 182 -30.73 6.98 11.40
N LYS B 183 -29.55 7.57 11.57
CA LYS B 183 -28.94 7.62 12.89
C LYS B 183 -29.72 8.51 13.85
N GLN B 184 -30.34 9.58 13.35
CA GLN B 184 -31.02 10.53 14.20
C GLN B 184 -32.53 10.27 14.29
N SER B 185 -32.97 9.07 13.91
CA SER B 185 -34.39 8.73 13.95
C SER B 185 -34.79 8.19 15.33
#